data_2PAU
#
_entry.id   2PAU
#
_cell.length_a   135.595
_cell.length_b   135.595
_cell.length_c   54.936
_cell.angle_alpha   90.00
_cell.angle_beta   90.00
_cell.angle_gamma   120.00
#
_symmetry.space_group_name_H-M   'H 3'
#
loop_
_entity.id
_entity.type
_entity.pdbx_description
1 polymer "5'-deoxynucleotidase YfbR"
2 non-polymer 'COBALT (II) ION'
3 non-polymer "2'-DEOXYADENOSINE-5'-MONOPHOSPHATE"
4 non-polymer DI(HYDROXYETHYL)ETHER
5 water water
#
_entity_poly.entity_id   1
_entity_poly.type   'polypeptide(L)'
_entity_poly.pdbx_seq_one_letter_code
;GHMKQSHFFAHLSRLKLINRWPLMRNVRTENVSEHSLQVAMVAHALAAIKNRKFGGNVNAERIALLAMYHDASAVLTGDL
PTPVKYFNSQIAQEYKAIEKIAQQKLVDMVPEELRDIFAPLIDEHAYSDEEKSLVKQADALCAYLKCLEELAAGNNEFLL
AKTRLEATLEARRSQEMDYFMEIFVPSFHLSLDEISQDSPL
;
_entity_poly.pdbx_strand_id   A,B
#
# COMPACT_ATOMS: atom_id res chain seq x y z
N SER A 6 -13.17 -1.75 17.63
CA SER A 6 -12.54 -2.89 16.96
C SER A 6 -11.04 -2.66 17.03
N HIS A 7 -10.29 -3.71 17.34
CA HIS A 7 -8.84 -3.66 17.33
C HIS A 7 -8.30 -3.84 15.91
N PHE A 8 -9.19 -3.89 14.93
CA PHE A 8 -8.82 -4.31 13.55
C PHE A 8 -7.76 -3.41 12.92
N PHE A 9 -7.96 -2.07 12.99
CA PHE A 9 -7.07 -1.13 12.29
C PHE A 9 -5.80 -0.92 13.12
N ALA A 10 -6.00 -1.00 14.43
CA ALA A 10 -4.89 -1.14 15.39
C ALA A 10 -3.92 -2.22 14.94
N HIS A 11 -4.40 -3.44 14.79
CA HIS A 11 -3.63 -4.61 14.28
C HIS A 11 -3.10 -4.47 12.82
N LEU A 12 -3.90 -3.94 11.89
CA LEU A 12 -3.36 -3.59 10.55
C LEU A 12 -2.17 -2.60 10.61
N SER A 13 -2.15 -1.68 11.57
CA SER A 13 -1.01 -0.74 11.63
C SER A 13 0.31 -1.41 12.01
N ARG A 14 0.23 -2.64 12.46
CA ARG A 14 1.39 -3.43 12.78
C ARG A 14 2.06 -4.11 11.56
N LEU A 15 1.45 -4.01 10.38
CA LEU A 15 2.06 -4.62 9.23
C LEU A 15 3.50 -4.18 9.07
N LYS A 16 3.77 -2.92 9.42
CA LYS A 16 5.08 -2.31 9.28
C LYS A 16 6.12 -2.90 10.21
N LEU A 17 5.65 -3.63 11.23
CA LEU A 17 6.50 -4.25 12.23
C LEU A 17 7.01 -5.64 11.83
N ILE A 18 6.36 -6.33 10.93
CA ILE A 18 6.66 -7.75 10.55
C ILE A 18 7.69 -7.73 9.40
N ASN A 19 8.91 -8.22 9.65
CA ASN A 19 10.00 -8.25 8.71
C ASN A 19 10.08 -9.51 7.81
N ARG A 20 10.44 -9.30 6.56
CA ARG A 20 10.46 -10.37 5.60
C ARG A 20 11.91 -10.80 5.45
N TRP A 21 12.14 -11.88 4.69
CA TRP A 21 13.45 -12.45 4.43
C TRP A 21 14.32 -12.60 5.69
N PRO A 22 13.78 -13.28 6.72
CA PRO A 22 14.47 -13.46 7.97
C PRO A 22 15.70 -14.36 7.93
N LEU A 23 15.81 -15.25 6.94
CA LEU A 23 16.89 -16.25 7.03
C LEU A 23 18.16 -15.69 6.50
N MET A 24 18.17 -14.41 6.18
CA MET A 24 19.20 -13.87 5.33
C MET A 24 19.60 -12.52 5.84
N ARG A 25 20.85 -12.16 5.57
CA ARG A 25 21.26 -10.77 5.77
C ARG A 25 20.62 -9.96 4.70
N ASN A 26 20.20 -8.76 5.07
CA ASN A 26 19.49 -7.88 4.16
C ASN A 26 20.27 -6.60 4.21
N VAL A 27 20.49 -5.96 3.08
CA VAL A 27 21.15 -4.65 3.05
C VAL A 27 20.13 -3.65 3.59
N ARG A 28 18.87 -3.86 3.23
CA ARG A 28 17.74 -3.10 3.74
C ARG A 28 16.64 -4.07 4.10
N THR A 29 16.21 -4.02 5.36
CA THR A 29 15.04 -4.79 5.85
C THR A 29 13.69 -4.39 5.30
N GLU A 30 12.95 -5.37 4.75
CA GLU A 30 11.70 -5.11 4.12
C GLU A 30 10.68 -5.58 5.08
N ASN A 31 9.62 -4.80 5.29
CA ASN A 31 8.47 -5.23 6.13
C ASN A 31 7.23 -5.50 5.29
N VAL A 32 6.24 -6.17 5.89
CA VAL A 32 5.02 -6.53 5.15
C VAL A 32 4.24 -5.35 4.64
N SER A 33 4.29 -4.27 5.36
CA SER A 33 3.63 -3.06 4.92
C SER A 33 4.23 -2.54 3.58
N GLU A 34 5.57 -2.48 3.49
CA GLU A 34 6.28 -2.13 2.22
C GLU A 34 5.98 -3.10 1.05
N HIS A 35 6.07 -4.39 1.34
CA HIS A 35 5.80 -5.46 0.37
C HIS A 35 4.38 -5.37 -0.19
N SER A 36 3.39 -5.12 0.69
CA SER A 36 2.01 -5.14 0.30
C SER A 36 1.67 -3.98 -0.61
N LEU A 37 2.24 -2.81 -0.34
CA LEU A 37 2.00 -1.66 -1.18
C LEU A 37 2.61 -1.95 -2.57
N GLN A 38 3.81 -2.53 -2.58
CA GLN A 38 4.49 -2.86 -3.82
C GLN A 38 3.70 -3.87 -4.61
N VAL A 39 3.23 -4.95 -3.98
CA VAL A 39 2.42 -5.98 -4.66
C VAL A 39 1.12 -5.34 -5.21
N ALA A 40 0.48 -4.50 -4.41
CA ALA A 40 -0.65 -3.76 -4.91
C ALA A 40 -0.31 -2.90 -6.08
N MET A 41 0.74 -2.10 -6.01
CA MET A 41 1.09 -1.35 -7.22
C MET A 41 1.40 -2.28 -8.46
N VAL A 42 2.15 -3.36 -8.27
CA VAL A 42 2.58 -4.16 -9.42
C VAL A 42 1.35 -4.90 -9.96
N ALA A 43 0.54 -5.42 -9.05
CA ALA A 43 -0.65 -6.17 -9.44
C ALA A 43 -1.65 -5.32 -10.15
N HIS A 44 -1.83 -4.07 -9.75
CA HIS A 44 -2.73 -3.13 -10.48
C HIS A 44 -2.16 -2.94 -11.93
N ALA A 45 -0.85 -2.76 -12.03
CA ALA A 45 -0.23 -2.50 -13.34
C ALA A 45 -0.38 -3.70 -14.20
N LEU A 46 -0.14 -4.87 -13.64
CA LEU A 46 -0.32 -6.08 -14.40
C LEU A 46 -1.72 -6.21 -14.97
N ALA A 47 -2.69 -5.90 -14.10
CA ALA A 47 -4.09 -5.89 -14.50
C ALA A 47 -4.41 -4.86 -15.57
N ALA A 48 -3.89 -3.66 -15.42
CA ALA A 48 -4.19 -2.66 -16.38
C ALA A 48 -3.46 -3.03 -17.73
N ILE A 49 -2.23 -3.50 -17.67
CA ILE A 49 -1.54 -3.97 -18.90
C ILE A 49 -2.40 -5.01 -19.66
N LYS A 50 -2.82 -6.05 -18.93
CA LYS A 50 -3.74 -7.06 -19.45
C LYS A 50 -4.91 -6.42 -20.19
N ASN A 51 -5.65 -5.58 -19.48
CA ASN A 51 -6.81 -4.91 -20.06
C ASN A 51 -6.44 -4.09 -21.31
N ARG A 52 -5.32 -3.37 -21.26
CA ARG A 52 -5.05 -2.40 -22.32
C ARG A 52 -4.37 -3.01 -23.55
N LYS A 53 -3.52 -4.00 -23.35
CA LYS A 53 -2.76 -4.61 -24.45
C LYS A 53 -3.21 -6.00 -24.85
N PHE A 54 -3.79 -6.74 -23.89
CA PHE A 54 -3.99 -8.14 -24.11
C PHE A 54 -5.43 -8.57 -24.01
N GLY A 55 -6.38 -7.65 -24.25
CA GLY A 55 -7.80 -7.98 -24.22
C GLY A 55 -8.42 -8.40 -22.88
N GLY A 56 -7.79 -8.02 -21.78
CA GLY A 56 -8.30 -8.30 -20.43
C GLY A 56 -9.60 -7.58 -20.15
N ASN A 57 -10.33 -8.15 -19.19
CA ASN A 57 -11.56 -7.58 -18.70
C ASN A 57 -11.57 -7.73 -17.17
N VAL A 58 -10.46 -7.41 -16.53
CA VAL A 58 -10.35 -7.54 -15.08
C VAL A 58 -10.52 -6.14 -14.41
N ASN A 59 -10.94 -6.16 -13.14
CA ASN A 59 -11.03 -4.98 -12.37
C ASN A 59 -9.72 -4.77 -11.66
N ALA A 60 -8.90 -3.91 -12.24
CA ALA A 60 -7.56 -3.59 -11.73
C ALA A 60 -7.58 -2.96 -10.34
N GLU A 61 -8.59 -2.18 -10.05
CA GLU A 61 -8.76 -1.53 -8.72
C GLU A 61 -9.09 -2.49 -7.58
N ARG A 62 -9.99 -3.42 -7.87
CA ARG A 62 -10.25 -4.57 -6.97
C ARG A 62 -8.99 -5.34 -6.72
N ILE A 63 -8.25 -5.58 -7.83
CA ILE A 63 -7.01 -6.23 -7.71
C ILE A 63 -6.00 -5.50 -6.82
N ALA A 64 -5.93 -4.18 -6.88
CA ALA A 64 -5.10 -3.41 -5.97
C ALA A 64 -5.50 -3.59 -4.49
N LEU A 65 -6.80 -3.61 -4.25
CA LEU A 65 -7.33 -3.70 -2.90
C LEU A 65 -7.04 -5.09 -2.35
N LEU A 66 -7.29 -6.13 -3.16
CA LEU A 66 -6.97 -7.48 -2.71
C LEU A 66 -5.51 -7.59 -2.40
N ALA A 67 -4.66 -7.05 -3.28
CA ALA A 67 -3.21 -7.09 -3.05
C ALA A 67 -2.81 -6.37 -1.73
N MET A 68 -3.46 -5.23 -1.43
CA MET A 68 -3.13 -4.52 -0.13
C MET A 68 -3.26 -5.41 1.06
N TYR A 69 -4.21 -6.32 0.98
CA TYR A 69 -4.60 -7.16 2.14
C TYR A 69 -4.09 -8.58 2.08
N HIS A 70 -3.38 -8.94 1.00
CA HIS A 70 -3.01 -10.32 0.79
C HIS A 70 -2.16 -10.95 1.85
N ASP A 71 -1.32 -10.21 2.58
CA ASP A 71 -0.51 -10.80 3.71
C ASP A 71 -0.87 -10.22 5.07
N ALA A 72 -2.11 -9.74 5.20
CA ALA A 72 -2.57 -8.99 6.38
C ALA A 72 -2.55 -9.79 7.65
N SER A 73 -2.83 -11.07 7.57
CA SER A 73 -2.82 -11.93 8.72
C SER A 73 -1.43 -12.15 9.29
N ALA A 74 -0.38 -11.78 8.54
CA ALA A 74 1.01 -11.77 9.06
C ALA A 74 1.11 -11.05 10.41
N VAL A 75 0.26 -10.07 10.65
CA VAL A 75 0.38 -9.32 11.90
C VAL A 75 0.09 -10.21 13.10
N LEU A 76 -0.64 -11.30 12.87
CA LEU A 76 -0.93 -12.26 13.95
C LEU A 76 0.09 -13.42 14.01
N THR A 77 0.66 -13.79 12.87
CA THR A 77 1.51 -15.02 12.80
C THR A 77 2.97 -14.76 12.70
N GLY A 78 3.33 -13.53 12.32
CA GLY A 78 4.68 -13.24 11.84
C GLY A 78 4.85 -13.77 10.41
N ASP A 79 5.99 -13.48 9.82
CA ASP A 79 6.24 -13.90 8.44
C ASP A 79 6.55 -15.39 8.50
N LEU A 80 6.29 -16.11 7.44
CA LEU A 80 6.55 -17.55 7.36
C LEU A 80 7.38 -17.95 6.10
N PRO A 81 8.71 -18.09 6.21
CA PRO A 81 9.54 -18.17 5.00
C PRO A 81 9.18 -19.30 4.01
N THR A 82 9.01 -18.96 2.73
CA THR A 82 8.99 -19.96 1.63
C THR A 82 10.29 -20.72 1.65
N PRO A 83 10.24 -22.06 1.77
CA PRO A 83 11.48 -22.82 1.58
C PRO A 83 12.11 -22.67 0.18
N ILE A 91 4.29 -30.14 5.91
CA ILE A 91 4.55 -28.80 6.41
C ILE A 91 3.66 -27.75 5.76
N ALA A 92 3.52 -27.82 4.44
CA ALA A 92 2.85 -26.77 3.69
C ALA A 92 1.43 -26.63 4.18
N GLN A 93 0.91 -27.70 4.76
CA GLN A 93 -0.30 -27.62 5.59
C GLN A 93 -0.13 -26.68 6.77
N GLU A 94 0.94 -26.90 7.53
CA GLU A 94 1.20 -26.13 8.76
C GLU A 94 1.12 -24.63 8.57
N TYR A 95 1.65 -24.13 7.45
CA TYR A 95 1.59 -22.73 7.18
C TYR A 95 0.23 -22.37 6.62
N LYS A 96 -0.33 -23.19 5.73
CA LYS A 96 -1.68 -22.92 5.20
C LYS A 96 -2.75 -22.99 6.28
N ALA A 97 -2.47 -23.80 7.31
CA ALA A 97 -3.36 -23.97 8.46
C ALA A 97 -3.38 -22.79 9.41
N ILE A 98 -2.11 -22.25 9.70
CA ILE A 98 -2.06 -21.13 10.64
C ILE A 98 -2.72 -19.94 9.94
N GLU A 99 -2.37 -19.82 8.66
CA GLU A 99 -2.91 -18.83 7.76
C GLU A 99 -4.42 -18.70 7.87
N LYS A 100 -5.15 -19.82 7.75
CA LYS A 100 -6.63 -19.71 7.70
C LYS A 100 -7.05 -19.25 9.09
N ILE A 101 -6.37 -19.76 10.11
CA ILE A 101 -6.72 -19.43 11.48
C ILE A 101 -6.57 -17.92 11.68
N ALA A 102 -5.47 -17.37 11.20
CA ALA A 102 -5.14 -15.97 11.49
C ALA A 102 -6.06 -15.05 10.74
N GLN A 103 -6.40 -15.42 9.50
CA GLN A 103 -7.32 -14.66 8.68
C GLN A 103 -8.67 -14.55 9.41
N GLN A 104 -9.19 -15.68 9.83
CA GLN A 104 -10.47 -15.69 10.57
C GLN A 104 -10.37 -14.89 11.87
N LYS A 105 -9.32 -15.10 12.65
CA LYS A 105 -9.08 -14.23 13.82
C LYS A 105 -9.15 -12.70 13.46
N LEU A 106 -8.62 -12.31 12.31
CA LEU A 106 -8.62 -10.88 11.88
C LEU A 106 -10.02 -10.49 11.45
N VAL A 107 -10.65 -11.41 10.74
CA VAL A 107 -12.04 -11.23 10.36
C VAL A 107 -13.00 -11.01 11.55
N ASP A 108 -12.91 -11.86 12.56
CA ASP A 108 -13.76 -11.70 13.72
C ASP A 108 -13.53 -10.36 14.48
N MET A 109 -12.49 -9.58 14.14
CA MET A 109 -12.20 -8.27 14.79
C MET A 109 -12.94 -7.12 14.15
N VAL A 110 -13.33 -7.34 12.89
CA VAL A 110 -13.99 -6.38 12.12
C VAL A 110 -15.41 -6.17 12.70
N PRO A 111 -15.86 -4.92 12.78
CA PRO A 111 -17.25 -4.80 13.21
C PRO A 111 -18.21 -5.55 12.29
N GLU A 112 -19.07 -6.28 12.93
CA GLU A 112 -20.01 -7.14 12.29
C GLU A 112 -20.62 -6.47 11.07
N GLU A 113 -21.09 -5.22 11.23
CA GLU A 113 -21.79 -4.46 10.19
C GLU A 113 -20.95 -4.26 8.89
N LEU A 114 -19.64 -4.35 9.04
CA LEU A 114 -18.67 -4.14 7.98
C LEU A 114 -17.92 -5.41 7.55
N ARG A 115 -18.25 -6.52 8.20
CA ARG A 115 -17.53 -7.75 8.04
C ARG A 115 -17.57 -8.24 6.55
N ASP A 116 -18.73 -8.09 5.91
CA ASP A 116 -18.90 -8.53 4.53
C ASP A 116 -17.96 -7.81 3.52
N ILE A 117 -17.48 -6.63 3.93
CA ILE A 117 -16.66 -5.79 3.14
C ILE A 117 -15.22 -6.23 3.28
N PHE A 118 -14.80 -6.55 4.51
CA PHE A 118 -13.41 -6.86 4.71
C PHE A 118 -13.10 -8.34 4.65
N ALA A 119 -14.07 -9.19 4.95
CA ALA A 119 -13.81 -10.63 5.04
C ALA A 119 -13.20 -11.21 3.74
N PRO A 120 -13.79 -10.90 2.58
CA PRO A 120 -13.24 -11.42 1.31
C PRO A 120 -11.81 -10.93 1.03
N LEU A 121 -11.46 -9.73 1.52
CA LEU A 121 -10.16 -9.19 1.38
C LEU A 121 -9.14 -9.93 2.25
N ILE A 122 -9.56 -10.34 3.45
CA ILE A 122 -8.67 -10.98 4.39
C ILE A 122 -8.53 -12.43 4.04
N ASP A 123 -9.65 -13.12 3.79
CA ASP A 123 -9.66 -14.56 3.70
C ASP A 123 -9.53 -15.11 2.32
N GLU A 124 -9.67 -14.25 1.30
CA GLU A 124 -9.16 -14.53 -0.06
C GLU A 124 -9.92 -15.68 -0.72
N HIS A 125 -11.13 -15.92 -0.24
CA HIS A 125 -11.77 -17.16 -0.56
C HIS A 125 -12.54 -16.94 -1.87
N ALA A 126 -12.76 -15.67 -2.18
CA ALA A 126 -13.57 -15.37 -3.30
C ALA A 126 -12.83 -14.71 -4.45
N TYR A 127 -11.52 -14.80 -4.47
CA TYR A 127 -10.73 -14.40 -5.64
C TYR A 127 -11.25 -15.13 -6.89
N SER A 128 -11.54 -14.42 -7.98
CA SER A 128 -11.64 -15.11 -9.27
C SER A 128 -10.28 -15.80 -9.58
N ASP A 129 -10.28 -16.64 -10.60
CA ASP A 129 -9.03 -17.32 -11.07
C ASP A 129 -8.00 -16.28 -11.54
N GLU A 130 -8.42 -15.37 -12.39
CA GLU A 130 -7.53 -14.33 -12.90
C GLU A 130 -6.98 -13.44 -11.82
N GLU A 131 -7.75 -13.27 -10.73
CA GLU A 131 -7.27 -12.38 -9.66
C GLU A 131 -6.20 -13.09 -8.87
N LYS A 132 -6.46 -14.38 -8.55
CA LYS A 132 -5.46 -15.26 -7.90
C LYS A 132 -4.17 -15.19 -8.69
N SER A 133 -4.30 -15.40 -9.98
CA SER A 133 -3.14 -15.38 -10.91
C SER A 133 -2.38 -14.02 -10.87
N LEU A 134 -3.12 -12.93 -11.01
CA LEU A 134 -2.46 -11.64 -11.08
C LEU A 134 -1.76 -11.27 -9.81
N VAL A 135 -2.43 -11.50 -8.68
CA VAL A 135 -1.84 -11.13 -7.42
C VAL A 135 -0.58 -11.99 -7.15
N LYS A 136 -0.64 -13.26 -7.55
CA LYS A 136 0.49 -14.17 -7.33
C LYS A 136 1.62 -13.88 -8.27
N GLN A 137 1.27 -13.44 -9.48
CA GLN A 137 2.33 -12.98 -10.42
C GLN A 137 3.04 -11.85 -9.75
N ALA A 138 2.24 -10.94 -9.19
CA ALA A 138 2.78 -9.70 -8.61
C ALA A 138 3.59 -9.98 -7.35
N ASP A 139 3.16 -10.96 -6.59
CA ASP A 139 3.85 -11.27 -5.35
C ASP A 139 5.28 -11.82 -5.68
N ALA A 140 5.35 -12.68 -6.69
CA ALA A 140 6.63 -13.28 -7.08
C ALA A 140 7.55 -12.25 -7.76
N LEU A 141 6.99 -11.36 -8.58
CA LEU A 141 7.78 -10.26 -9.20
C LEU A 141 8.43 -9.35 -8.20
N CYS A 142 7.64 -8.99 -7.16
CA CYS A 142 8.14 -8.20 -6.09
C CYS A 142 9.22 -8.86 -5.26
N ALA A 143 9.04 -10.16 -5.04
CA ALA A 143 10.07 -10.91 -4.35
C ALA A 143 11.38 -10.91 -5.21
N TYR A 144 11.19 -10.99 -6.53
CA TYR A 144 12.30 -10.98 -7.50
C TYR A 144 12.94 -9.61 -7.48
N LEU A 145 12.13 -8.56 -7.39
CA LEU A 145 12.68 -7.19 -7.50
C LEU A 145 13.57 -6.93 -6.26
N LYS A 146 13.09 -7.37 -5.12
CA LYS A 146 13.89 -7.40 -3.86
C LYS A 146 15.31 -8.05 -4.00
N CYS A 147 15.36 -9.21 -4.63
CA CYS A 147 16.60 -9.91 -4.95
C CYS A 147 17.51 -9.01 -5.77
N LEU A 148 16.94 -8.33 -6.77
CA LEU A 148 17.67 -7.49 -7.69
C LEU A 148 18.28 -6.27 -6.95
N GLU A 149 17.45 -5.64 -6.10
CA GLU A 149 17.90 -4.58 -5.19
C GLU A 149 19.05 -5.04 -4.32
N GLU A 150 18.87 -6.20 -3.72
CA GLU A 150 19.87 -6.69 -2.78
C GLU A 150 21.15 -7.00 -3.57
N LEU A 151 21.00 -7.70 -4.69
CA LEU A 151 22.18 -8.06 -5.46
C LEU A 151 22.91 -6.80 -5.95
N ALA A 152 22.19 -5.74 -6.40
CA ALA A 152 22.81 -4.47 -6.82
C ALA A 152 23.66 -3.84 -5.71
N ALA A 153 23.26 -4.07 -4.48
CA ALA A 153 23.90 -3.51 -3.30
C ALA A 153 25.08 -4.38 -2.86
N GLY A 154 25.42 -5.38 -3.68
CA GLY A 154 26.46 -6.35 -3.38
C GLY A 154 26.11 -7.48 -2.42
N ASN A 155 24.79 -7.72 -2.18
CA ASN A 155 24.34 -8.80 -1.27
C ASN A 155 24.12 -10.13 -2.01
N ASN A 156 25.16 -10.97 -2.05
CA ASN A 156 25.15 -12.28 -2.73
C ASN A 156 24.26 -13.34 -2.07
N GLU A 157 23.77 -13.07 -0.87
CA GLU A 157 22.91 -14.03 -0.18
C GLU A 157 21.57 -14.23 -0.86
N PHE A 158 21.24 -13.34 -1.78
CA PHE A 158 19.97 -13.38 -2.48
C PHE A 158 20.12 -13.99 -3.86
N LEU A 159 21.34 -14.32 -4.24
CA LEU A 159 21.58 -14.92 -5.55
C LEU A 159 20.77 -16.18 -5.69
N LEU A 160 20.81 -17.02 -4.67
CA LEU A 160 20.05 -18.26 -4.75
C LEU A 160 18.57 -17.97 -4.92
N ALA A 161 18.01 -17.15 -4.05
CA ALA A 161 16.59 -16.85 -4.12
C ALA A 161 16.23 -16.23 -5.45
N LYS A 162 17.15 -15.49 -6.07
CA LYS A 162 16.84 -14.89 -7.37
C LYS A 162 16.55 -16.02 -8.40
N THR A 163 17.44 -17.01 -8.46
CA THR A 163 17.23 -18.22 -9.30
C THR A 163 15.97 -19.10 -8.98
N ARG A 164 15.69 -19.35 -7.70
CA ARG A 164 14.38 -19.90 -7.27
C ARG A 164 13.20 -19.20 -7.90
N LEU A 165 13.20 -17.87 -7.82
CA LEU A 165 12.03 -17.07 -8.24
C LEU A 165 11.90 -16.88 -9.75
N GLU A 166 13.01 -16.94 -10.47
CA GLU A 166 12.93 -16.97 -11.95
C GLU A 166 12.11 -18.17 -12.44
N ALA A 167 12.31 -19.31 -11.79
CA ALA A 167 11.46 -20.47 -11.97
C ALA A 167 10.02 -20.19 -11.56
N THR A 168 9.83 -19.53 -10.42
CA THR A 168 8.49 -19.15 -10.00
C THR A 168 7.80 -18.23 -11.03
N LEU A 169 8.56 -17.28 -11.55
CA LEU A 169 8.08 -16.40 -12.62
C LEU A 169 7.79 -17.16 -13.92
N GLU A 170 8.71 -18.02 -14.32
CA GLU A 170 8.43 -18.87 -15.48
C GLU A 170 7.12 -19.66 -15.39
N ALA A 171 6.85 -20.23 -14.23
CA ALA A 171 5.67 -21.07 -14.08
C ALA A 171 4.37 -20.21 -14.10
N ARG A 172 4.46 -18.98 -13.62
CA ARG A 172 3.29 -18.08 -13.58
C ARG A 172 3.31 -17.13 -14.77
N ARG A 173 4.18 -17.39 -15.72
CA ARG A 173 4.34 -16.48 -16.83
C ARG A 173 3.06 -16.10 -17.55
N SER A 174 3.07 -14.90 -18.13
CA SER A 174 1.97 -14.37 -18.88
C SER A 174 2.48 -13.23 -19.76
N GLN A 175 1.59 -12.79 -20.63
CA GLN A 175 1.87 -11.70 -21.50
C GLN A 175 2.06 -10.43 -20.69
N GLU A 176 1.21 -10.20 -19.66
CA GLU A 176 1.34 -9.03 -18.73
C GLU A 176 2.69 -8.97 -18.09
N MET A 177 3.06 -10.05 -17.45
CA MET A 177 4.38 -10.13 -16.84
C MET A 177 5.52 -9.85 -17.84
N ASP A 178 5.41 -10.49 -19.00
CA ASP A 178 6.42 -10.34 -20.04
C ASP A 178 6.58 -8.87 -20.41
N TYR A 179 5.44 -8.16 -20.58
CA TYR A 179 5.43 -6.70 -20.76
C TYR A 179 6.11 -5.97 -19.60
N PHE A 180 5.65 -6.20 -18.36
CA PHE A 180 6.26 -5.57 -17.17
C PHE A 180 7.78 -5.81 -17.10
N MET A 181 8.18 -7.08 -17.17
CA MET A 181 9.60 -7.46 -17.20
C MET A 181 10.37 -6.63 -18.23
N GLU A 182 9.85 -6.53 -19.45
CA GLU A 182 10.59 -5.87 -20.54
C GLU A 182 10.58 -4.38 -20.36
N ILE A 183 9.52 -3.85 -19.78
CA ILE A 183 9.34 -2.42 -19.79
C ILE A 183 9.81 -1.79 -18.45
N PHE A 184 9.45 -2.42 -17.33
CA PHE A 184 9.76 -1.85 -16.02
C PHE A 184 10.94 -2.49 -15.31
N VAL A 185 11.18 -3.77 -15.52
CA VAL A 185 12.18 -4.45 -14.69
C VAL A 185 13.66 -4.12 -14.91
N PRO A 186 14.12 -4.00 -16.18
CA PRO A 186 15.56 -3.88 -16.26
C PRO A 186 16.09 -2.61 -15.59
N SER A 187 15.27 -1.56 -15.48
CA SER A 187 15.62 -0.33 -14.72
C SER A 187 16.02 -0.63 -13.28
N PHE A 188 15.65 -1.82 -12.77
CA PHE A 188 16.17 -2.29 -11.48
C PHE A 188 17.54 -2.98 -11.70
N LYS B 4 12.31 3.15 -24.92
CA LYS B 4 11.74 1.77 -24.75
C LYS B 4 11.32 1.43 -23.33
N GLN B 5 12.22 1.66 -22.38
CA GLN B 5 11.99 1.30 -20.97
C GLN B 5 11.50 2.46 -20.12
N SER B 6 10.75 2.17 -19.07
CA SER B 6 10.26 3.23 -18.21
C SER B 6 10.90 3.04 -16.85
N HIS B 7 11.36 4.13 -16.26
CA HIS B 7 11.91 4.16 -14.92
C HIS B 7 10.80 4.29 -13.88
N PHE B 8 9.56 4.20 -14.31
CA PHE B 8 8.44 4.56 -13.44
C PHE B 8 8.44 3.79 -12.14
N PHE B 9 8.50 2.47 -12.24
CA PHE B 9 8.51 1.64 -11.03
C PHE B 9 9.79 1.62 -10.28
N ALA B 10 10.91 1.90 -10.94
CA ALA B 10 12.18 1.98 -10.24
C ALA B 10 12.12 3.16 -9.28
N HIS B 11 11.48 4.24 -9.73
CA HIS B 11 11.34 5.45 -8.94
C HIS B 11 10.35 5.22 -7.83
N LEU B 12 9.21 4.60 -8.13
CA LEU B 12 8.22 4.26 -7.12
C LEU B 12 8.78 3.38 -6.06
N SER B 13 9.59 2.40 -6.47
CA SER B 13 10.37 1.57 -5.51
C SER B 13 11.14 2.37 -4.42
N ARG B 14 11.36 3.64 -4.64
CA ARG B 14 12.11 4.51 -3.72
C ARG B 14 11.31 5.06 -2.53
N LEU B 15 10.00 5.03 -2.66
CA LEU B 15 9.11 5.47 -1.59
C LEU B 15 9.47 4.98 -0.22
N LYS B 16 9.83 3.71 -0.08
CA LYS B 16 10.22 3.15 1.23
C LYS B 16 11.54 3.77 1.77
N LEU B 17 12.25 4.54 0.96
CA LEU B 17 13.48 5.20 1.45
C LEU B 17 13.20 6.60 2.01
N ILE B 18 12.08 7.21 1.64
CA ILE B 18 11.79 8.61 1.98
C ILE B 18 11.16 8.53 3.34
N ASN B 19 11.85 9.02 4.34
CA ASN B 19 11.33 9.02 5.73
C ASN B 19 10.45 10.28 6.04
N ARG B 20 9.47 10.13 6.91
CA ARG B 20 8.49 11.19 7.27
C ARG B 20 8.76 11.73 8.71
N TRP B 21 8.07 12.79 9.14
CA TRP B 21 8.36 13.37 10.48
C TRP B 21 9.87 13.62 10.77
N PRO B 22 10.53 14.34 9.88
CA PRO B 22 11.96 14.52 10.07
C PRO B 22 12.32 15.45 11.22
N LEU B 23 11.46 16.42 11.55
CA LEU B 23 11.84 17.45 12.53
C LEU B 23 11.79 16.87 13.94
N MET B 24 11.49 15.58 14.06
CA MET B 24 11.26 15.02 15.37
C MET B 24 12.00 13.75 15.55
N ARG B 25 12.37 13.49 16.80
CA ARG B 25 12.82 12.19 17.22
C ARG B 25 11.65 11.23 17.10
N ASN B 26 11.87 10.11 16.42
CA ASN B 26 10.80 9.15 16.15
C ASN B 26 11.17 7.90 16.94
N VAL B 27 10.25 7.31 17.69
CA VAL B 27 10.56 6.04 18.31
C VAL B 27 10.73 5.01 17.17
N ARG B 28 9.95 5.19 16.11
CA ARG B 28 10.01 4.34 14.93
C ARG B 28 9.83 5.19 13.66
N THR B 29 10.81 5.13 12.77
CA THR B 29 10.80 5.91 11.53
C THR B 29 9.70 5.38 10.65
N GLU B 30 8.83 6.26 10.19
CA GLU B 30 7.86 5.90 9.20
C GLU B 30 8.37 6.42 7.86
N ASN B 31 8.25 5.57 6.84
CA ASN B 31 8.54 5.96 5.48
C ASN B 31 7.25 6.08 4.67
N VAL B 32 7.39 6.58 3.47
CA VAL B 32 6.23 7.04 2.73
C VAL B 32 5.45 5.85 2.20
N SER B 33 6.18 4.76 1.97
CA SER B 33 5.58 3.49 1.64
C SER B 33 4.59 2.93 2.71
N GLU B 34 5.08 2.76 3.93
CA GLU B 34 4.21 2.43 5.10
C GLU B 34 3.05 3.43 5.21
N HIS B 35 3.35 4.73 5.14
CA HIS B 35 2.31 5.77 5.19
C HIS B 35 1.19 5.54 4.16
N SER B 36 1.60 5.34 2.91
CA SER B 36 0.70 5.28 1.80
C SER B 36 -0.20 4.04 1.88
N LEU B 37 0.36 2.93 2.30
CA LEU B 37 -0.52 1.79 2.51
C LEU B 37 -1.58 2.03 3.60
N GLN B 38 -1.23 2.81 4.62
CA GLN B 38 -2.13 2.96 5.77
C GLN B 38 -3.20 3.89 5.34
N VAL B 39 -2.84 4.94 4.61
CA VAL B 39 -3.81 5.88 4.03
C VAL B 39 -4.80 5.16 3.06
N ALA B 40 -4.28 4.24 2.24
CA ALA B 40 -5.11 3.44 1.33
C ALA B 40 -6.12 2.62 2.09
N MET B 41 -5.65 2.01 3.17
CA MET B 41 -6.54 1.15 3.95
C MET B 41 -7.62 1.98 4.68
N VAL B 42 -7.19 3.07 5.26
CA VAL B 42 -8.10 3.99 5.95
C VAL B 42 -9.01 4.67 4.97
N ALA B 43 -8.45 5.20 3.86
CA ALA B 43 -9.31 5.87 2.86
C ALA B 43 -10.32 4.90 2.25
N HIS B 44 -9.89 3.68 1.93
CA HIS B 44 -10.87 2.67 1.56
C HIS B 44 -11.95 2.45 2.65
N ALA B 45 -11.52 2.19 3.87
CA ALA B 45 -12.50 1.99 4.98
C ALA B 45 -13.47 3.14 5.09
N LEU B 46 -13.00 4.35 4.97
CA LEU B 46 -13.88 5.54 5.06
C LEU B 46 -14.90 5.61 3.94
N ALA B 47 -14.44 5.34 2.68
CA ALA B 47 -15.35 5.29 1.54
C ALA B 47 -16.45 4.22 1.68
N ALA B 48 -16.07 3.05 2.10
CA ALA B 48 -17.00 1.95 2.29
C ALA B 48 -18.02 2.24 3.37
N ILE B 49 -17.57 2.83 4.48
CA ILE B 49 -18.46 3.33 5.57
C ILE B 49 -19.45 4.37 5.06
N LYS B 50 -18.97 5.37 4.31
CA LYS B 50 -19.84 6.37 3.73
C LYS B 50 -20.92 5.75 2.88
N ASN B 51 -20.49 4.93 1.93
CA ASN B 51 -21.38 4.13 1.10
C ASN B 51 -22.38 3.34 1.93
N ARG B 52 -21.85 2.53 2.85
CA ARG B 52 -22.70 1.65 3.65
C ARG B 52 -23.71 2.39 4.58
N LYS B 53 -23.25 3.35 5.37
CA LYS B 53 -24.15 3.93 6.36
C LYS B 53 -24.65 5.34 6.01
N PHE B 54 -23.99 6.03 5.09
CA PHE B 54 -24.26 7.45 4.99
C PHE B 54 -24.61 7.93 3.62
N GLY B 55 -25.14 7.05 2.80
CA GLY B 55 -25.72 7.53 1.56
C GLY B 55 -24.63 7.78 0.51
N GLY B 56 -23.42 7.28 0.72
CA GLY B 56 -22.38 7.53 -0.29
C GLY B 56 -22.59 6.81 -1.62
N ASN B 57 -21.96 7.33 -2.68
CA ASN B 57 -21.93 6.67 -4.00
C ASN B 57 -20.52 6.79 -4.62
N VAL B 58 -19.49 6.65 -3.81
CA VAL B 58 -18.09 6.81 -4.25
C VAL B 58 -17.48 5.46 -4.59
N ASN B 59 -16.52 5.45 -5.50
CA ASN B 59 -15.84 4.18 -5.84
C ASN B 59 -14.73 3.96 -4.86
N ALA B 60 -14.94 3.03 -3.92
CA ALA B 60 -14.04 2.84 -2.75
C ALA B 60 -12.71 2.14 -3.12
N GLU B 61 -12.78 1.18 -4.04
CA GLU B 61 -11.63 0.59 -4.70
C GLU B 61 -10.77 1.63 -5.37
N ARG B 62 -11.38 2.52 -6.16
CA ARG B 62 -10.60 3.61 -6.71
C ARG B 62 -9.90 4.48 -5.63
N ILE B 63 -10.65 4.83 -4.59
CA ILE B 63 -10.10 5.64 -3.53
C ILE B 63 -8.86 4.99 -2.90
N ALA B 64 -8.81 3.67 -2.80
CA ALA B 64 -7.65 2.96 -2.25
C ALA B 64 -6.46 3.22 -3.11
N LEU B 65 -6.68 3.10 -4.43
CA LEU B 65 -5.60 3.23 -5.39
C LEU B 65 -5.12 4.67 -5.42
N LEU B 66 -6.02 5.66 -5.32
CA LEU B 66 -5.57 7.06 -5.19
C LEU B 66 -4.76 7.29 -3.97
N ALA B 67 -5.18 6.72 -2.83
CA ALA B 67 -4.41 6.84 -1.63
C ALA B 67 -3.03 6.15 -1.77
N MET B 68 -2.98 4.99 -2.41
CA MET B 68 -1.70 4.33 -2.65
C MET B 68 -0.72 5.27 -3.25
N TYR B 69 -1.19 6.10 -4.18
CA TYR B 69 -0.33 7.05 -4.96
C TYR B 69 -0.23 8.51 -4.49
N HIS B 70 -0.97 8.89 -3.45
CA HIS B 70 -1.14 10.31 -3.15
C HIS B 70 0.16 11.02 -2.83
N ASP B 71 1.14 10.33 -2.26
CA ASP B 71 2.42 10.97 -1.94
C ASP B 71 3.53 10.51 -2.85
N ALA B 72 3.20 9.93 -4.00
CA ALA B 72 4.20 9.26 -4.85
C ALA B 72 5.26 10.20 -5.39
N SER B 73 4.94 11.48 -5.49
CA SER B 73 5.92 12.40 -6.07
C SER B 73 7.09 12.70 -5.11
N ALA B 74 6.94 12.26 -3.85
CA ALA B 74 8.00 12.41 -2.84
C ALA B 74 9.32 11.70 -3.27
N VAL B 75 9.16 10.70 -4.10
CA VAL B 75 10.32 10.05 -4.61
C VAL B 75 11.20 11.04 -5.42
N LEU B 76 10.58 12.07 -6.00
CA LEU B 76 11.33 13.18 -6.69
C LEU B 76 11.67 14.42 -5.84
N THR B 77 10.83 14.77 -4.89
CA THR B 77 10.98 15.99 -4.06
C THR B 77 11.48 15.80 -2.62
N GLY B 78 11.39 14.57 -2.12
CA GLY B 78 11.60 14.29 -0.71
C GLY B 78 10.31 14.68 0.03
N ASP B 79 10.30 14.53 1.33
CA ASP B 79 9.13 14.84 2.08
C ASP B 79 9.29 16.24 2.64
N LEU B 80 8.36 17.16 2.34
CA LEU B 80 8.37 18.44 3.11
C LEU B 80 7.38 18.50 4.32
N PRO B 81 7.92 18.75 5.53
CA PRO B 81 7.09 18.78 6.71
C PRO B 81 6.00 19.84 6.60
N THR B 82 4.78 19.47 7.02
CA THR B 82 3.61 20.36 6.91
C THR B 82 3.83 21.80 7.40
N PRO B 83 4.39 21.97 8.60
CA PRO B 83 4.56 23.35 9.10
C PRO B 83 5.56 24.20 8.34
N ALA B 92 3.90 28.55 0.68
CA ALA B 92 2.92 27.47 0.62
C ALA B 92 2.48 27.15 -0.79
N GLN B 93 2.34 28.20 -1.62
CA GLN B 93 1.90 28.07 -3.01
C GLN B 93 3.00 27.47 -3.89
N GLU B 94 4.23 27.71 -3.47
CA GLU B 94 5.39 27.19 -4.15
C GLU B 94 5.48 25.68 -3.95
N TYR B 95 5.32 25.18 -2.71
CA TYR B 95 5.43 23.71 -2.53
C TYR B 95 4.40 22.97 -3.36
N LYS B 96 3.22 23.56 -3.44
CA LYS B 96 2.15 23.04 -4.26
C LYS B 96 2.64 22.98 -5.71
N ALA B 97 3.41 23.99 -6.10
CA ALA B 97 4.07 24.05 -7.38
C ALA B 97 4.98 22.86 -7.64
N ILE B 98 6.07 22.72 -6.89
CA ILE B 98 7.07 21.67 -7.18
C ILE B 98 6.37 20.36 -7.26
N GLU B 99 5.59 20.07 -6.23
CA GLU B 99 4.84 18.84 -6.10
C GLU B 99 4.05 18.53 -7.33
N LYS B 100 3.28 19.52 -7.78
CA LYS B 100 2.51 19.31 -9.02
C LYS B 100 3.45 19.12 -10.22
N ILE B 101 4.60 19.79 -10.25
CA ILE B 101 5.60 19.53 -11.32
C ILE B 101 6.13 18.10 -11.14
N ALA B 102 6.27 17.67 -9.88
CA ALA B 102 6.87 16.38 -9.64
C ALA B 102 5.88 15.26 -10.09
N GLN B 103 4.58 15.51 -9.88
CA GLN B 103 3.56 14.57 -10.19
C GLN B 103 3.50 14.41 -11.69
N GLN B 104 3.57 15.52 -12.41
CA GLN B 104 3.62 15.47 -13.91
C GLN B 104 4.83 14.72 -14.47
N LYS B 105 6.03 15.06 -14.02
CA LYS B 105 7.24 14.26 -14.30
C LYS B 105 7.08 12.75 -14.04
N LEU B 106 6.46 12.36 -12.94
CA LEU B 106 6.19 10.95 -12.76
C LEU B 106 5.30 10.41 -13.85
N VAL B 107 4.26 11.19 -14.15
CA VAL B 107 3.26 10.77 -15.12
C VAL B 107 3.90 10.57 -16.48
N ASP B 108 4.88 11.40 -16.82
CA ASP B 108 5.53 11.40 -18.12
C ASP B 108 6.51 10.22 -18.27
N MET B 109 6.81 9.56 -17.12
CA MET B 109 7.61 8.32 -17.15
C MET B 109 6.81 7.10 -17.54
N VAL B 110 5.50 7.12 -17.36
CA VAL B 110 4.66 5.98 -17.66
C VAL B 110 4.66 5.81 -19.20
N PRO B 111 4.76 4.58 -19.70
CA PRO B 111 4.65 4.40 -21.15
C PRO B 111 3.34 5.05 -21.61
N GLU B 112 3.40 5.68 -22.75
CA GLU B 112 2.27 6.41 -23.31
C GLU B 112 0.97 5.64 -23.36
N GLU B 113 1.06 4.37 -23.75
CA GLU B 113 -0.11 3.51 -23.97
C GLU B 113 -0.80 3.24 -22.60
N LEU B 114 -0.13 3.52 -21.50
CA LEU B 114 -0.70 3.35 -20.18
C LEU B 114 -0.93 4.66 -19.43
N ARG B 115 -0.51 5.77 -20.04
CA ARG B 115 -0.51 7.09 -19.37
C ARG B 115 -1.83 7.44 -18.75
N ASP B 116 -2.89 7.19 -19.50
CA ASP B 116 -4.20 7.60 -19.07
C ASP B 116 -4.75 6.70 -17.92
N ILE B 117 -4.10 5.56 -17.64
CA ILE B 117 -4.48 4.76 -16.47
C ILE B 117 -3.90 5.42 -15.23
N PHE B 118 -2.70 5.99 -15.35
CA PHE B 118 -1.88 6.41 -14.21
C PHE B 118 -1.95 7.87 -13.92
N ALA B 119 -2.07 8.69 -14.95
CA ALA B 119 -2.24 10.12 -14.76
C ALA B 119 -3.31 10.45 -13.66
N PRO B 120 -4.52 9.83 -13.76
CA PRO B 120 -5.53 10.23 -12.76
C PRO B 120 -5.40 9.64 -11.38
N LEU B 121 -4.36 8.83 -11.16
CA LEU B 121 -3.99 8.33 -9.86
C LEU B 121 -2.93 9.19 -9.26
N ILE B 122 -2.03 9.73 -10.09
CA ILE B 122 -0.89 10.45 -9.58
C ILE B 122 -1.13 11.95 -9.43
N ASP B 123 -1.89 12.53 -10.33
CA ASP B 123 -2.05 13.96 -10.51
C ASP B 123 -3.16 14.34 -9.55
N GLU B 124 -2.90 15.05 -8.44
CA GLU B 124 -4.05 15.42 -7.50
C GLU B 124 -5.21 16.26 -8.17
N HIS B 125 -5.00 16.89 -9.32
CA HIS B 125 -6.10 17.57 -10.00
C HIS B 125 -7.23 16.62 -10.34
N ALA B 126 -6.93 15.33 -10.52
CA ALA B 126 -7.89 14.39 -11.03
C ALA B 126 -8.86 13.88 -9.97
N TYR B 127 -8.66 14.23 -8.71
CA TYR B 127 -9.48 13.65 -7.61
C TYR B 127 -10.82 14.37 -7.71
N SER B 128 -11.97 13.67 -7.71
CA SER B 128 -13.24 14.36 -7.57
C SER B 128 -13.31 15.09 -6.23
N ASP B 129 -14.33 15.94 -6.05
CA ASP B 129 -14.49 16.60 -4.78
C ASP B 129 -14.59 15.60 -3.63
N GLU B 130 -15.34 14.53 -3.82
CA GLU B 130 -15.53 13.52 -2.75
C GLU B 130 -14.31 12.61 -2.53
N GLU B 131 -13.59 12.32 -3.61
CA GLU B 131 -12.37 11.54 -3.52
C GLU B 131 -11.32 12.31 -2.76
N LYS B 132 -11.14 13.56 -3.21
CA LYS B 132 -10.30 14.52 -2.55
C LYS B 132 -10.60 14.58 -1.02
N SER B 133 -11.87 14.64 -0.64
CA SER B 133 -12.21 14.75 0.80
C SER B 133 -11.77 13.53 1.59
N LEU B 134 -12.13 12.38 1.07
CA LEU B 134 -11.86 11.09 1.68
C LEU B 134 -10.38 10.82 1.85
N VAL B 135 -9.58 11.16 0.83
CA VAL B 135 -8.18 10.93 0.90
C VAL B 135 -7.54 11.88 1.92
N LYS B 136 -7.93 13.16 1.94
CA LYS B 136 -7.34 14.12 2.86
C LYS B 136 -7.84 13.79 4.29
N GLN B 137 -9.02 13.22 4.45
CA GLN B 137 -9.47 12.79 5.81
C GLN B 137 -8.65 11.65 6.29
N ALA B 138 -8.33 10.70 5.38
CA ALA B 138 -7.45 9.55 5.70
C ALA B 138 -6.03 9.92 5.96
N ASP B 139 -5.56 10.86 5.19
CA ASP B 139 -4.21 11.35 5.47
C ASP B 139 -4.01 11.91 6.88
N ALA B 140 -4.91 12.79 7.27
CA ALA B 140 -4.82 13.45 8.61
C ALA B 140 -5.03 12.45 9.75
N LEU B 141 -5.93 11.49 9.52
CA LEU B 141 -6.13 10.37 10.44
C LEU B 141 -4.86 9.62 10.68
N CYS B 142 -4.21 9.22 9.58
CA CYS B 142 -2.96 8.51 9.65
C CYS B 142 -1.89 9.29 10.29
N ALA B 143 -1.82 10.58 10.05
CA ALA B 143 -0.86 11.43 10.73
C ALA B 143 -1.21 11.46 12.24
N TYR B 144 -2.48 11.56 12.53
CA TYR B 144 -2.95 11.46 13.93
C TYR B 144 -2.57 10.14 14.55
N LEU B 145 -2.82 9.05 13.86
CA LEU B 145 -2.52 7.75 14.44
C LEU B 145 -1.04 7.63 14.76
N LYS B 146 -0.18 8.04 13.84
CA LYS B 146 1.26 8.17 14.13
C LYS B 146 1.52 8.87 15.46
N CYS B 147 0.93 10.05 15.68
CA CYS B 147 1.12 10.80 16.94
C CYS B 147 0.71 9.93 18.11
N LEU B 148 -0.43 9.24 17.97
CA LEU B 148 -0.95 8.30 19.02
C LEU B 148 0.05 7.15 19.34
N GLU B 149 0.68 6.59 18.30
CA GLU B 149 1.73 5.55 18.47
C GLU B 149 2.97 6.06 19.18
N GLU B 150 3.48 7.17 18.68
CA GLU B 150 4.65 7.79 19.25
C GLU B 150 4.40 8.10 20.73
N LEU B 151 3.23 8.64 21.04
CA LEU B 151 2.88 9.02 22.42
C LEU B 151 2.68 7.81 23.34
N ALA B 152 1.97 6.79 22.86
CA ALA B 152 1.92 5.50 23.54
C ALA B 152 3.31 4.95 23.89
N ALA B 153 4.33 5.35 23.13
CA ALA B 153 5.72 4.94 23.42
C ALA B 153 6.44 5.88 24.34
N GLY B 154 5.73 6.84 24.91
CA GLY B 154 6.35 7.81 25.80
C GLY B 154 6.94 9.04 25.15
N ASN B 155 6.83 9.17 23.82
CA ASN B 155 7.50 10.22 23.05
C ASN B 155 6.68 11.50 22.93
N ASN B 156 6.94 12.47 23.80
CA ASN B 156 6.05 13.65 23.91
C ASN B 156 6.35 14.77 22.86
N GLU B 157 7.30 14.50 21.98
CA GLU B 157 7.55 15.36 20.81
C GLU B 157 6.44 15.41 19.81
N PHE B 158 5.56 14.41 19.83
CA PHE B 158 4.41 14.40 18.96
C PHE B 158 3.19 14.99 19.66
N LEU B 159 3.39 15.56 20.85
CA LEU B 159 2.27 16.15 21.60
C LEU B 159 1.59 17.28 20.78
N LEU B 160 2.33 18.31 20.42
CA LEU B 160 1.77 19.45 19.69
C LEU B 160 1.18 19.03 18.33
N ALA B 161 1.92 18.19 17.61
CA ALA B 161 1.43 17.63 16.37
C ALA B 161 0.08 16.97 16.60
N LYS B 162 -0.10 16.22 17.70
CA LYS B 162 -1.43 15.62 18.03
C LYS B 162 -2.51 16.72 18.06
N THR B 163 -2.29 17.72 18.91
CA THR B 163 -3.22 18.84 19.07
C THR B 163 -3.64 19.55 17.76
N ARG B 164 -2.68 19.96 16.94
CA ARG B 164 -3.02 20.63 15.69
C ARG B 164 -3.68 19.68 14.73
N LEU B 165 -3.25 18.41 14.67
CA LEU B 165 -3.97 17.42 13.87
C LEU B 165 -5.44 17.24 14.35
N GLU B 166 -5.70 17.44 15.64
CA GLU B 166 -7.11 17.35 16.10
C GLU B 166 -7.91 18.47 15.47
N ALA B 167 -7.32 19.65 15.39
CA ALA B 167 -7.92 20.75 14.61
C ALA B 167 -8.14 20.39 13.10
N THR B 168 -7.16 19.80 12.42
CA THR B 168 -7.32 19.50 11.00
C THR B 168 -8.49 18.52 10.75
N LEU B 169 -8.61 17.55 11.68
CA LEU B 169 -9.64 16.50 11.70
C LEU B 169 -11.06 17.06 11.89
N GLU B 170 -11.22 17.91 12.89
CA GLU B 170 -12.52 18.59 13.08
C GLU B 170 -12.91 19.45 11.89
N ALA B 171 -11.91 20.02 11.20
CA ALA B 171 -12.18 20.84 10.00
C ALA B 171 -12.71 19.92 8.91
N ARG B 172 -12.09 18.75 8.80
CA ARG B 172 -12.44 17.79 7.77
C ARG B 172 -13.44 16.75 8.28
N ARG B 173 -14.11 17.08 9.36
CA ARG B 173 -15.09 16.16 9.98
C ARG B 173 -16.17 15.59 9.04
N SER B 174 -16.48 14.31 9.20
CA SER B 174 -17.63 13.66 8.55
C SER B 174 -18.18 12.58 9.45
N GLN B 175 -19.37 12.12 9.07
CA GLN B 175 -19.97 10.95 9.72
C GLN B 175 -19.03 9.76 9.59
N GLU B 176 -18.47 9.50 8.40
CA GLU B 176 -17.64 8.29 8.27
C GLU B 176 -16.33 8.40 9.13
N MET B 177 -15.84 9.63 9.27
CA MET B 177 -14.72 9.92 10.16
C MET B 177 -15.10 9.70 11.64
N ASP B 178 -16.27 10.21 12.04
CA ASP B 178 -16.75 9.97 13.39
C ASP B 178 -16.91 8.48 13.66
N TYR B 179 -17.44 7.70 12.73
CA TYR B 179 -17.52 6.25 12.93
C TYR B 179 -16.13 5.65 13.14
N PHE B 180 -15.23 6.01 12.24
CA PHE B 180 -13.88 5.52 12.31
C PHE B 180 -13.29 5.82 13.68
N MET B 181 -13.37 7.10 14.09
CA MET B 181 -12.76 7.55 15.36
C MET B 181 -13.38 6.72 16.48
N GLU B 182 -14.67 6.81 16.69
CA GLU B 182 -15.26 6.10 17.84
C GLU B 182 -15.02 4.60 17.83
N ILE B 183 -14.76 4.02 16.64
CA ILE B 183 -14.80 2.57 16.51
C ILE B 183 -13.39 1.95 16.40
N PHE B 184 -12.51 2.58 15.63
CA PHE B 184 -11.15 2.03 15.36
C PHE B 184 -9.97 2.68 16.07
N VAL B 185 -10.12 3.93 16.45
CA VAL B 185 -9.02 4.76 17.03
C VAL B 185 -8.69 4.52 18.53
N PRO B 186 -9.70 4.33 19.40
CA PRO B 186 -9.40 4.13 20.86
C PRO B 186 -8.38 3.02 21.17
N SER B 187 -8.41 1.96 20.37
CA SER B 187 -7.40 0.85 20.39
C SER B 187 -5.98 1.34 20.12
N PHE B 188 -5.87 2.49 19.47
CA PHE B 188 -4.64 3.28 19.48
C PHE B 188 -4.78 4.19 20.73
#